data_6TPM
#
_entry.id   6TPM
#
_cell.length_a   138.500
_cell.length_b   138.500
_cell.length_c   138.500
_cell.angle_alpha   90.000
_cell.angle_beta   90.000
_cell.angle_gamma   90.000
#
_symmetry.space_group_name_H-M   'P 43 3 2'
#
loop_
_entity.id
_entity.type
_entity.pdbx_description
1 polymer Beta-lactamase
2 non-polymer DI(HYDROXYETHYL)ETHER
3 non-polymer (2S,5R)-1-formyl-N-(piperidin-4-yl)-5-[(sulfooxy)amino]piperidine-2-carboxamide
4 non-polymer 'ZINC ION'
5 non-polymer '2-(N-MORPHOLINO)-ETHANESULFONIC ACID'
6 non-polymer 'SULFATE ION'
7 non-polymer 'CHLORIDE ION'
8 water water
#
_entity_poly.entity_id   1
_entity_poly.type   'polypeptide(L)'
_entity_poly.pdbx_seq_one_letter_code
;APQQINDIVHRTITPLIEQQKIPGMAVAVIYQGKPYYFTWGYADIAKKQPVTQQTLFELGSVSKTFTGVLGGDAIARGEI
KLSDPTTKYWPELTAKQWNGITLLHLATYTAGGLPLQVPDEVKSSSDLLRFYQNWQPAWAPGTQRLYANSSIGLFGALAV
KPSGLSFEQAMQTRVFQPLKLNHTWINVPPAEEKNYAWGYREGKAVHVSPGALDAEAYGVKSTIEDMARWVQSNLKPLDI
NEKTLQQGIQLAQSRYWQTGDMYQGLGWEMLDWPVNPDSIINGSDNKIALAARPVKAITPPTPAVRASWVHKTGATGGFG
SYVAFIPEKELGIVMLANKNYPNPARVDAAWQILNALQ
;
_entity_poly.pdbx_strand_id   A
#
loop_
_chem_comp.id
_chem_comp.type
_chem_comp.name
_chem_comp.formula
CL non-polymer 'CHLORIDE ION' 'Cl -1'
MES non-polymer '2-(N-MORPHOLINO)-ETHANESULFONIC ACID' 'C6 H13 N O4 S'
MK7 non-polymer (2S,5R)-1-formyl-N-(piperidin-4-yl)-5-[(sulfooxy)amino]piperidine-2-carboxamide 'C12 H22 N4 O6 S'
PEG non-polymer DI(HYDROXYETHYL)ETHER 'C4 H10 O3'
SO4 non-polymer 'SULFATE ION' 'O4 S -2'
ZN non-polymer 'ZINC ION' 'Zn 2'
#
# COMPACT_ATOMS: atom_id res chain seq x y z
N ALA A 1 7.66 5.05 26.28
CA ALA A 1 8.01 3.83 25.56
C ALA A 1 9.21 3.14 26.22
N PRO A 2 9.33 1.83 26.05
CA PRO A 2 10.52 1.14 26.56
C PRO A 2 11.81 1.77 26.05
N GLN A 3 12.83 1.79 26.91
CA GLN A 3 14.09 2.43 26.54
C GLN A 3 14.68 1.80 25.28
N GLN A 4 14.53 0.48 25.12
CA GLN A 4 15.11 -0.16 23.95
C GLN A 4 14.48 0.35 22.66
N ILE A 5 13.18 0.67 22.68
CA ILE A 5 12.53 1.23 21.50
C ILE A 5 12.98 2.66 21.26
N ASN A 6 12.92 3.50 22.30
CA ASN A 6 13.40 4.87 22.18
C ASN A 6 14.81 4.92 21.61
N ASP A 7 15.70 4.07 22.12
N ASP A 7 15.70 4.05 22.10
CA ASP A 7 17.10 4.11 21.73
CA ASP A 7 17.10 4.15 21.70
C ASP A 7 17.28 3.77 20.26
C ASP A 7 17.32 3.75 20.26
N ILE A 8 16.71 2.65 19.81
CA ILE A 8 16.90 2.24 18.42
C ILE A 8 16.22 3.22 17.48
N VAL A 9 15.06 3.78 17.88
CA VAL A 9 14.40 4.74 17.02
C VAL A 9 15.24 6.00 16.85
N HIS A 10 15.79 6.53 17.95
CA HIS A 10 16.64 7.71 17.80
C HIS A 10 17.84 7.41 16.90
N ARG A 11 18.57 6.34 17.21
CA ARG A 11 19.81 6.04 16.50
C ARG A 11 19.60 5.68 15.05
N THR A 12 18.39 5.30 14.66
CA THR A 12 18.08 4.93 13.28
C THR A 12 17.39 6.06 12.52
N ILE A 13 16.34 6.65 13.09
CA ILE A 13 15.53 7.60 12.34
C ILE A 13 16.14 9.00 12.35
N THR A 14 16.67 9.47 13.47
CA THR A 14 17.24 10.81 13.45
C THR A 14 18.38 10.91 12.44
N PRO A 15 19.30 9.94 12.35
CA PRO A 15 20.32 10.00 11.27
C PRO A 15 19.73 9.85 9.88
N LEU A 16 18.70 9.02 9.72
CA LEU A 16 18.01 8.94 8.44
C LEU A 16 17.50 10.31 8.01
N ILE A 17 16.90 11.04 8.94
CA ILE A 17 16.41 12.40 8.66
C ILE A 17 17.56 13.33 8.33
N GLU A 18 18.66 13.23 9.09
CA GLU A 18 19.85 14.03 8.78
C GLU A 18 20.37 13.70 7.40
N GLN A 19 20.46 12.41 7.07
CA GLN A 19 21.03 11.97 5.81
C GLN A 19 20.17 12.38 4.62
N GLN A 20 18.85 12.26 4.74
CA GLN A 20 17.95 12.44 3.60
C GLN A 20 17.31 13.83 3.56
N LYS A 21 17.59 14.69 4.53
CA LYS A 21 17.07 16.04 4.56
C LYS A 21 15.55 16.06 4.62
N ILE A 22 14.98 15.19 5.45
CA ILE A 22 13.52 15.06 5.59
C ILE A 22 12.96 16.17 6.47
N PRO A 23 12.01 16.98 5.99
CA PRO A 23 11.52 18.09 6.81
C PRO A 23 10.62 17.67 7.97
N GLY A 24 9.85 16.60 7.80
CA GLY A 24 8.95 16.16 8.85
C GLY A 24 8.71 14.67 8.73
N MET A 25 8.53 14.01 9.87
CA MET A 25 8.42 12.57 9.85
C MET A 25 7.61 12.08 11.03
N ALA A 26 6.82 11.04 10.79
CA ALA A 26 6.10 10.34 11.85
C ALA A 26 6.40 8.86 11.73
N VAL A 27 6.68 8.22 12.86
CA VAL A 27 6.95 6.80 12.94
C VAL A 27 6.10 6.19 14.04
N ALA A 28 5.51 5.03 13.77
CA ALA A 28 4.92 4.20 14.80
C ALA A 28 5.65 2.87 14.80
N VAL A 29 6.12 2.45 15.97
CA VAL A 29 6.67 1.12 16.17
C VAL A 29 5.63 0.32 16.93
N ILE A 30 5.18 -0.78 16.34
CA ILE A 30 4.27 -1.69 17.01
C ILE A 30 5.11 -2.81 17.60
N TYR A 31 5.09 -2.91 18.93
CA TYR A 31 5.91 -3.85 19.68
C TYR A 31 4.99 -4.61 20.62
N GLN A 32 5.02 -5.94 20.56
CA GLN A 32 4.07 -6.77 21.29
C GLN A 32 2.64 -6.23 21.13
N GLY A 33 2.31 -5.83 19.90
CA GLY A 33 0.97 -5.44 19.56
C GLY A 33 0.56 -4.03 19.95
N LYS A 34 1.46 -3.25 20.55
CA LYS A 34 1.15 -1.92 21.03
C LYS A 34 1.94 -0.89 20.25
N PRO A 35 1.30 0.18 19.77
CA PRO A 35 2.04 1.21 19.04
C PRO A 35 2.70 2.23 19.95
N TYR A 36 3.91 2.61 19.56
CA TYR A 36 4.66 3.68 20.19
C TYR A 36 5.00 4.72 19.13
N TYR A 37 4.68 5.99 19.42
CA TYR A 37 4.71 7.04 18.43
C TYR A 37 5.89 7.99 18.60
N PHE A 38 6.39 8.46 17.47
CA PHE A 38 7.53 9.36 17.38
C PHE A 38 7.28 10.36 16.26
N THR A 39 7.64 11.62 16.47
CA THR A 39 7.53 12.61 15.42
C THR A 39 8.75 13.51 15.41
N TRP A 40 9.04 14.06 14.23
CA TRP A 40 10.12 15.01 14.03
C TRP A 40 9.67 16.11 13.08
N GLY A 41 10.15 17.33 13.31
CA GLY A 41 10.08 18.33 12.27
C GLY A 41 8.70 18.93 12.02
N TYR A 42 8.47 19.34 10.78
CA TYR A 42 7.36 20.22 10.45
C TYR A 42 6.48 19.65 9.34
N ALA A 43 5.18 19.76 9.56
CA ALA A 43 4.21 19.43 8.52
C ALA A 43 4.12 20.54 7.49
N ASP A 44 4.32 21.78 7.95
CA ASP A 44 4.32 22.97 7.10
C ASP A 44 5.51 23.80 7.54
N ILE A 45 6.55 23.83 6.72
CA ILE A 45 7.78 24.54 7.08
C ILE A 45 7.50 26.01 7.33
N ALA A 46 6.88 26.68 6.37
CA ALA A 46 6.77 28.14 6.45
C ALA A 46 5.88 28.58 7.61
N LYS A 47 4.87 27.80 7.94
N LYS A 47 4.86 27.80 7.94
CA LYS A 47 4.01 28.11 9.08
CA LYS A 47 4.01 28.10 9.09
C LYS A 47 4.57 27.57 10.39
C LYS A 47 4.59 27.59 10.40
N LYS A 48 5.68 26.82 10.34
CA LYS A 48 6.30 26.26 11.55
C LYS A 48 5.30 25.39 12.30
N GLN A 49 4.47 24.66 11.56
CA GLN A 49 3.50 23.74 12.16
C GLN A 49 4.17 22.39 12.36
N PRO A 50 4.35 21.93 13.60
CA PRO A 50 5.03 20.64 13.80
C PRO A 50 4.22 19.45 13.34
N VAL A 51 4.95 18.39 12.96
CA VAL A 51 4.33 17.09 12.79
C VAL A 51 3.77 16.63 14.13
N THR A 52 2.55 16.12 14.13
CA THR A 52 1.92 15.55 15.31
C THR A 52 1.30 14.21 14.94
N GLN A 53 0.72 13.53 15.92
CA GLN A 53 0.02 12.28 15.66
C GLN A 53 -1.27 12.50 14.87
N GLN A 54 -1.71 13.75 14.72
CA GLN A 54 -2.87 14.11 13.93
C GLN A 54 -2.51 14.53 12.50
N THR A 55 -1.23 14.64 12.18
CA THR A 55 -0.83 15.11 10.87
C THR A 55 -1.20 14.08 9.80
N LEU A 56 -1.83 14.56 8.72
CA LEU A 56 -2.13 13.72 7.56
C LEU A 56 -0.96 13.73 6.58
N PHE A 57 -0.54 12.53 6.16
CA PHE A 57 0.48 12.33 5.14
C PHE A 57 -0.12 11.62 3.94
N GLU A 58 0.44 11.89 2.75
CA GLU A 58 0.07 11.14 1.56
C GLU A 58 0.73 9.77 1.61
N LEU A 59 -0.08 8.71 1.59
CA LEU A 59 0.44 7.35 1.64
C LEU A 59 1.00 6.87 0.31
N GLY A 60 0.66 7.53 -0.79
CA GLY A 60 1.04 7.01 -2.08
C GLY A 60 0.61 5.56 -2.24
N SER A 61 1.50 4.74 -2.80
N SER A 61 1.51 4.74 -2.78
CA SER A 61 1.16 3.38 -3.15
CA SER A 61 1.17 3.38 -3.15
C SER A 61 0.84 2.45 -1.98
C SER A 61 0.82 2.46 -1.98
N VAL A 62 1.08 2.88 -0.75
CA VAL A 62 0.61 2.14 0.40
C VAL A 62 -0.92 2.05 0.33
N SER A 63 -1.54 2.98 -0.42
CA SER A 63 -2.98 2.93 -0.66
C SER A 63 -3.43 1.58 -1.20
N LYS A 64 -2.54 0.90 -1.94
CA LYS A 64 -2.91 -0.38 -2.56
C LYS A 64 -3.24 -1.45 -1.52
N THR A 65 -2.70 -1.35 -0.31
CA THR A 65 -3.03 -2.34 0.71
C THR A 65 -4.49 -2.23 1.13
N PHE A 66 -5.02 -1.00 1.17
CA PHE A 66 -6.45 -0.82 1.40
C PHE A 66 -7.25 -1.40 0.23
N THR A 67 -6.82 -1.13 -0.99
CA THR A 67 -7.51 -1.68 -2.15
C THR A 67 -7.51 -3.20 -2.12
N GLY A 68 -6.38 -3.81 -1.79
CA GLY A 68 -6.31 -5.25 -1.75
C GLY A 68 -7.23 -5.86 -0.70
N VAL A 69 -7.30 -5.23 0.47
CA VAL A 69 -8.16 -5.74 1.53
C VAL A 69 -9.63 -5.54 1.18
N LEU A 70 -9.98 -4.40 0.58
CA LEU A 70 -11.35 -4.19 0.13
C LEU A 70 -11.74 -5.24 -0.92
N GLY A 71 -10.81 -5.57 -1.81
CA GLY A 71 -11.08 -6.63 -2.77
C GLY A 71 -11.25 -7.98 -2.09
N GLY A 72 -10.42 -8.27 -1.10
CA GLY A 72 -10.57 -9.51 -0.34
C GLY A 72 -11.89 -9.57 0.39
N ASP A 73 -12.33 -8.44 0.94
CA ASP A 73 -13.64 -8.36 1.58
C ASP A 73 -14.75 -8.68 0.59
N ALA A 74 -14.63 -8.19 -0.64
CA ALA A 74 -15.63 -8.51 -1.67
C ALA A 74 -15.62 -10.00 -2.00
N ILE A 75 -14.42 -10.61 -2.04
CA ILE A 75 -14.32 -12.05 -2.26
C ILE A 75 -15.05 -12.79 -1.15
N ALA A 76 -14.81 -12.38 0.10
CA ALA A 76 -15.42 -13.06 1.24
C ALA A 76 -16.94 -12.87 1.27
N ARG A 77 -17.43 -11.78 0.69
CA ARG A 77 -18.86 -11.57 0.54
C ARG A 77 -19.45 -12.39 -0.60
N GLY A 78 -18.61 -13.06 -1.39
CA GLY A 78 -19.08 -13.75 -2.57
C GLY A 78 -19.46 -12.85 -3.72
N GLU A 79 -19.09 -11.57 -3.66
CA GLU A 79 -19.48 -10.63 -4.71
C GLU A 79 -18.62 -10.77 -5.95
N ILE A 80 -17.35 -11.16 -5.79
CA ILE A 80 -16.43 -11.37 -6.89
C ILE A 80 -15.64 -12.64 -6.64
N LYS A 81 -15.07 -13.19 -7.72
CA LYS A 81 -14.07 -14.24 -7.67
C LYS A 81 -12.85 -13.77 -8.44
N LEU A 82 -11.67 -14.10 -7.94
CA LEU A 82 -10.45 -13.68 -8.64
C LEU A 82 -10.31 -14.35 -9.99
N SER A 83 -10.93 -15.51 -10.20
CA SER A 83 -10.92 -16.14 -11.50
C SER A 83 -11.88 -15.49 -12.50
N ASP A 84 -12.71 -14.55 -12.05
CA ASP A 84 -13.68 -13.95 -12.95
C ASP A 84 -12.98 -13.18 -14.06
N PRO A 85 -13.49 -13.23 -15.28
CA PRO A 85 -12.93 -12.39 -16.35
C PRO A 85 -13.21 -10.91 -16.10
N THR A 86 -12.26 -10.07 -16.51
CA THR A 86 -12.46 -8.63 -16.41
C THR A 86 -13.75 -8.21 -17.12
N THR A 87 -14.04 -8.81 -18.26
CA THR A 87 -15.20 -8.41 -19.06
C THR A 87 -16.53 -8.68 -18.36
N LYS A 88 -16.54 -9.54 -17.34
CA LYS A 88 -17.77 -9.73 -16.58
C LYS A 88 -18.24 -8.44 -15.94
N TYR A 89 -17.29 -7.60 -15.51
CA TYR A 89 -17.59 -6.35 -14.81
C TYR A 89 -17.51 -5.14 -15.71
N TRP A 90 -16.89 -5.25 -16.88
CA TRP A 90 -16.81 -4.15 -17.86
C TRP A 90 -17.08 -4.73 -19.24
N PRO A 91 -18.34 -5.06 -19.53
CA PRO A 91 -18.65 -5.69 -20.83
C PRO A 91 -18.20 -4.87 -22.02
N GLU A 92 -18.05 -3.55 -21.86
CA GLU A 92 -17.67 -2.69 -22.97
C GLU A 92 -16.22 -2.88 -23.40
N LEU A 93 -15.40 -3.55 -22.59
N LEU A 93 -15.42 -3.58 -22.61
CA LEU A 93 -14.04 -3.92 -22.97
CA LEU A 93 -14.04 -3.91 -22.97
C LEU A 93 -14.12 -5.11 -23.93
C LEU A 93 -14.09 -5.11 -23.93
N THR A 94 -14.44 -4.82 -25.18
CA THR A 94 -14.65 -5.85 -26.18
C THR A 94 -13.37 -6.26 -26.91
N ALA A 95 -12.29 -5.51 -26.77
CA ALA A 95 -11.07 -5.83 -27.49
C ALA A 95 -10.58 -7.24 -27.11
N LYS A 96 -10.08 -7.96 -28.11
CA LYS A 96 -9.82 -9.38 -27.95
C LYS A 96 -8.68 -9.65 -26.96
N GLN A 97 -7.75 -8.71 -26.79
CA GLN A 97 -6.64 -8.96 -25.88
C GLN A 97 -7.10 -9.16 -24.45
N TRP A 98 -8.33 -8.76 -24.12
CA TRP A 98 -8.86 -8.91 -22.78
C TRP A 98 -9.43 -10.28 -22.51
N ASN A 99 -9.57 -11.13 -23.53
CA ASN A 99 -9.94 -12.52 -23.31
C ASN A 99 -8.86 -13.23 -22.52
N GLY A 100 -9.22 -13.79 -21.38
CA GLY A 100 -8.29 -14.50 -20.54
C GLY A 100 -7.69 -13.67 -19.41
N ILE A 101 -7.96 -12.37 -19.36
CA ILE A 101 -7.43 -11.51 -18.30
C ILE A 101 -8.47 -11.46 -17.19
N THR A 102 -8.07 -11.92 -16.00
CA THR A 102 -8.97 -12.09 -14.87
C THR A 102 -8.73 -11.01 -13.82
N LEU A 103 -9.63 -10.94 -12.85
CA LEU A 103 -9.42 -10.00 -11.75
C LEU A 103 -8.12 -10.29 -11.03
N LEU A 104 -7.76 -11.58 -10.89
CA LEU A 104 -6.48 -11.93 -10.29
C LEU A 104 -5.34 -11.22 -11.00
N HIS A 105 -5.32 -11.31 -12.34
CA HIS A 105 -4.24 -10.68 -13.10
C HIS A 105 -4.19 -9.18 -12.85
N LEU A 106 -5.34 -8.52 -12.83
CA LEU A 106 -5.35 -7.09 -12.56
C LEU A 106 -4.79 -6.79 -11.18
N ALA A 107 -5.23 -7.56 -10.18
CA ALA A 107 -4.86 -7.27 -8.79
C ALA A 107 -3.38 -7.49 -8.54
N THR A 108 -2.73 -8.37 -9.30
CA THR A 108 -1.36 -8.78 -9.00
C THR A 108 -0.37 -8.35 -10.08
N TYR A 109 -0.78 -7.44 -10.97
CA TYR A 109 0.10 -6.87 -12.01
C TYR A 109 0.56 -7.92 -13.02
N THR A 110 -0.24 -8.96 -13.27
CA THR A 110 0.18 -10.04 -14.16
C THR A 110 -0.67 -10.14 -15.42
N ALA A 111 -1.37 -9.05 -15.79
CA ALA A 111 -2.24 -9.06 -16.96
C ALA A 111 -1.46 -9.11 -18.27
N GLY A 112 -0.18 -8.75 -18.26
CA GLY A 112 0.62 -8.84 -19.47
C GLY A 112 1.19 -7.51 -19.90
N GLY A 113 1.51 -6.65 -18.94
CA GLY A 113 2.19 -5.41 -19.22
C GLY A 113 1.34 -4.17 -19.23
N LEU A 114 0.24 -4.12 -18.49
CA LEU A 114 -0.45 -2.86 -18.27
C LEU A 114 0.55 -1.83 -17.71
N PRO A 115 0.51 -0.59 -18.16
CA PRO A 115 1.60 0.35 -17.85
C PRO A 115 1.56 0.87 -16.43
N LEU A 116 2.72 1.37 -15.99
CA LEU A 116 2.88 1.83 -14.61
C LEU A 116 1.84 2.87 -14.24
N GLN A 117 1.63 3.86 -15.11
CA GLN A 117 0.65 4.90 -14.87
C GLN A 117 -0.47 4.83 -15.90
N VAL A 118 -1.68 5.21 -15.48
CA VAL A 118 -2.70 5.62 -16.44
C VAL A 118 -2.28 6.94 -17.06
N PRO A 119 -2.34 7.11 -18.38
CA PRO A 119 -1.83 8.35 -18.98
C PRO A 119 -2.51 9.58 -18.39
N ASP A 120 -1.74 10.66 -18.25
CA ASP A 120 -2.29 11.88 -17.68
C ASP A 120 -3.38 12.49 -18.55
N GLU A 121 -3.44 12.14 -19.83
CA GLU A 121 -4.46 12.66 -20.72
C GLU A 121 -5.82 12.02 -20.47
N VAL A 122 -5.90 10.92 -19.73
CA VAL A 122 -7.17 10.27 -19.43
C VAL A 122 -7.90 11.10 -18.39
N LYS A 123 -8.95 11.81 -18.81
CA LYS A 123 -9.72 12.68 -17.92
C LYS A 123 -11.20 12.34 -17.88
N SER A 124 -11.69 11.43 -18.71
CA SER A 124 -13.09 11.06 -18.77
C SER A 124 -13.24 9.55 -18.79
N SER A 125 -14.44 9.07 -18.49
CA SER A 125 -14.72 7.64 -18.60
C SER A 125 -14.51 7.16 -20.03
N SER A 126 -14.90 7.97 -21.00
CA SER A 126 -14.64 7.65 -22.41
C SER A 126 -13.14 7.48 -22.66
N ASP A 127 -12.33 8.41 -22.15
CA ASP A 127 -10.88 8.29 -22.29
C ASP A 127 -10.37 7.00 -21.67
N LEU A 128 -10.88 6.66 -20.48
CA LEU A 128 -10.41 5.46 -19.79
C LEU A 128 -10.73 4.21 -20.59
N LEU A 129 -11.91 4.15 -21.20
CA LEU A 129 -12.27 2.99 -22.01
C LEU A 129 -11.34 2.87 -23.22
N ARG A 130 -11.12 3.98 -23.92
CA ARG A 130 -10.24 3.95 -25.08
C ARG A 130 -8.83 3.51 -24.69
N PHE A 131 -8.35 3.97 -23.53
CA PHE A 131 -7.03 3.57 -23.05
C PHE A 131 -6.92 2.06 -22.94
N TYR A 132 -7.83 1.44 -22.18
CA TYR A 132 -7.74 -0.01 -21.99
C TYR A 132 -8.08 -0.77 -23.26
N GLN A 133 -9.00 -0.24 -24.08
CA GLN A 133 -9.36 -0.91 -25.32
C GLN A 133 -8.19 -0.97 -26.30
N ASN A 134 -7.33 0.04 -26.31
CA ASN A 134 -6.22 0.12 -27.26
C ASN A 134 -4.90 -0.36 -26.68
N TRP A 135 -4.85 -0.67 -25.38
CA TRP A 135 -3.64 -1.22 -24.81
C TRP A 135 -3.33 -2.58 -25.41
N GLN A 136 -2.07 -2.80 -25.79
CA GLN A 136 -1.64 -4.04 -26.40
C GLN A 136 -0.67 -4.75 -25.47
N PRO A 137 -0.99 -5.95 -24.98
CA PRO A 137 -0.09 -6.60 -24.02
C PRO A 137 1.21 -7.05 -24.65
N ALA A 138 2.29 -6.95 -23.87
CA ALA A 138 3.60 -7.44 -24.28
C ALA A 138 3.78 -8.93 -23.99
N TRP A 139 3.00 -9.48 -23.06
CA TRP A 139 3.13 -10.88 -22.67
C TRP A 139 1.76 -11.48 -22.48
N ALA A 140 1.70 -12.82 -22.51
CA ALA A 140 0.46 -13.50 -22.17
C ALA A 140 0.13 -13.28 -20.70
N PRO A 141 -1.15 -13.32 -20.34
CA PRO A 141 -1.52 -13.13 -18.93
C PRO A 141 -0.96 -14.24 -18.06
N GLY A 142 -0.65 -13.86 -16.82
CA GLY A 142 -0.17 -14.82 -15.84
C GLY A 142 1.24 -15.32 -16.05
N THR A 143 2.11 -14.52 -16.66
CA THR A 143 3.48 -14.98 -16.90
C THR A 143 4.53 -13.98 -16.41
N GLN A 144 4.22 -12.69 -16.45
CA GLN A 144 5.16 -11.64 -16.05
C GLN A 144 4.47 -10.66 -15.12
N ARG A 145 5.16 -10.28 -14.05
CA ARG A 145 4.72 -9.25 -13.13
C ARG A 145 5.37 -7.92 -13.53
N LEU A 146 4.56 -6.91 -13.80
CA LEU A 146 5.02 -5.55 -14.05
C LEU A 146 4.17 -4.63 -13.18
N TYR A 147 4.75 -4.12 -12.10
CA TYR A 147 4.02 -3.26 -11.17
C TYR A 147 3.35 -2.13 -11.94
N ALA A 148 2.05 -1.94 -11.70
CA ALA A 148 1.26 -1.02 -12.52
C ALA A 148 0.07 -0.47 -11.76
N ASN A 149 -0.01 0.86 -11.67
CA ASN A 149 -1.20 1.50 -11.12
C ASN A 149 -2.42 1.24 -12.00
N SER A 150 -2.23 1.18 -13.32
CA SER A 150 -3.35 0.91 -14.22
C SER A 150 -3.89 -0.50 -14.06
N SER A 151 -3.16 -1.39 -13.39
CA SER A 151 -3.60 -2.77 -13.21
C SER A 151 -4.44 -2.91 -11.94
N ILE A 152 -3.83 -2.66 -10.78
CA ILE A 152 -4.59 -2.80 -9.55
C ILE A 152 -5.62 -1.69 -9.42
N GLY A 153 -5.36 -0.54 -10.06
CA GLY A 153 -6.36 0.51 -10.09
C GLY A 153 -7.67 0.06 -10.72
N LEU A 154 -7.57 -0.64 -11.86
CA LEU A 154 -8.78 -1.16 -12.48
C LEU A 154 -9.40 -2.26 -11.63
N PHE A 155 -8.57 -3.11 -11.01
CA PHE A 155 -9.10 -4.12 -10.10
C PHE A 155 -9.99 -3.50 -9.03
N GLY A 156 -9.50 -2.43 -8.38
CA GLY A 156 -10.27 -1.79 -7.34
C GLY A 156 -11.59 -1.22 -7.84
N ALA A 157 -11.57 -0.58 -9.01
CA ALA A 157 -12.79 0.01 -9.54
C ALA A 157 -13.82 -1.05 -9.91
N LEU A 158 -13.36 -2.21 -10.37
CA LEU A 158 -14.30 -3.25 -10.78
C LEU A 158 -14.75 -4.10 -9.60
N ALA A 159 -13.90 -4.26 -8.59
CA ALA A 159 -14.22 -5.11 -7.46
C ALA A 159 -15.44 -4.61 -6.69
N VAL A 160 -15.68 -3.29 -6.72
CA VAL A 160 -16.78 -2.71 -5.97
C VAL A 160 -18.08 -2.64 -6.77
N LYS A 161 -18.07 -3.01 -8.05
CA LYS A 161 -19.27 -2.87 -8.86
C LYS A 161 -20.44 -3.69 -8.32
N PRO A 162 -20.27 -4.95 -7.95
CA PRO A 162 -21.41 -5.71 -7.43
C PRO A 162 -22.08 -5.08 -6.22
N SER A 163 -21.35 -4.29 -5.44
CA SER A 163 -21.95 -3.66 -4.27
C SER A 163 -22.86 -2.49 -4.62
N GLY A 164 -22.75 -1.95 -5.84
CA GLY A 164 -23.47 -0.74 -6.20
C GLY A 164 -22.90 0.52 -5.60
N LEU A 165 -21.84 0.42 -4.78
CA LEU A 165 -21.21 1.57 -4.17
C LEU A 165 -20.05 2.06 -5.02
N SER A 166 -19.79 3.36 -4.93
CA SER A 166 -18.54 3.89 -5.48
C SER A 166 -17.36 3.31 -4.71
N PHE A 167 -16.18 3.38 -5.32
CA PHE A 167 -14.97 2.89 -4.65
C PHE A 167 -14.79 3.58 -3.30
N GLU A 168 -14.94 4.90 -3.27
CA GLU A 168 -14.76 5.64 -2.02
C GLU A 168 -15.82 5.27 -0.99
N GLN A 169 -17.08 5.17 -1.42
CA GLN A 169 -18.14 4.78 -0.49
C GLN A 169 -17.90 3.36 0.04
N ALA A 170 -17.48 2.45 -0.84
CA ALA A 170 -17.20 1.09 -0.40
C ALA A 170 -16.07 1.08 0.62
N MET A 171 -14.99 1.81 0.34
CA MET A 171 -13.84 1.82 1.24
C MET A 171 -14.22 2.38 2.61
N GLN A 172 -14.99 3.48 2.63
CA GLN A 172 -15.38 4.11 3.89
C GLN A 172 -16.25 3.17 4.73
N THR A 173 -17.28 2.59 4.11
N THR A 173 -17.27 2.58 4.11
CA THR A 173 -18.25 1.80 4.86
CA THR A 173 -18.24 1.81 4.88
C THR A 173 -17.68 0.44 5.25
C THR A 173 -17.74 0.42 5.22
N ARG A 174 -16.85 -0.16 4.40
CA ARG A 174 -16.46 -1.55 4.56
C ARG A 174 -15.07 -1.73 5.16
N VAL A 175 -14.21 -0.71 5.13
CA VAL A 175 -12.87 -0.85 5.67
C VAL A 175 -12.60 0.22 6.72
N PHE A 176 -12.68 1.50 6.33
CA PHE A 176 -12.28 2.58 7.23
C PHE A 176 -13.15 2.59 8.50
N GLN A 177 -14.48 2.63 8.32
CA GLN A 177 -15.35 2.78 9.49
C GLN A 177 -15.30 1.57 10.42
N PRO A 178 -15.39 0.33 9.95
CA PRO A 178 -15.31 -0.80 10.89
C PRO A 178 -14.01 -0.84 11.68
N LEU A 179 -12.91 -0.40 11.09
CA LEU A 179 -11.62 -0.38 11.75
C LEU A 179 -11.35 0.91 12.50
N LYS A 180 -12.33 1.82 12.53
CA LYS A 180 -12.22 3.08 13.26
C LYS A 180 -11.03 3.89 12.76
N LEU A 181 -10.80 3.85 11.45
CA LEU A 181 -9.82 4.72 10.81
C LEU A 181 -10.52 6.03 10.43
N ASN A 182 -10.78 6.84 11.46
CA ASN A 182 -11.64 8.02 11.33
C ASN A 182 -10.88 9.25 10.86
N HIS A 183 -9.58 9.16 10.65
CA HIS A 183 -8.78 10.24 10.06
C HIS A 183 -7.97 9.69 8.90
N THR A 184 -8.61 8.87 8.08
CA THR A 184 -8.05 8.34 6.85
C THR A 184 -9.01 8.70 5.73
N TRP A 185 -8.49 9.29 4.66
CA TRP A 185 -9.33 9.91 3.66
C TRP A 185 -8.82 9.63 2.25
N ILE A 186 -9.75 9.32 1.34
CA ILE A 186 -9.45 9.42 -0.08
C ILE A 186 -9.49 10.88 -0.51
N ASN A 187 -10.50 11.62 -0.06
CA ASN A 187 -10.60 13.06 -0.25
C ASN A 187 -10.64 13.71 1.13
N VAL A 188 -9.66 14.56 1.42
CA VAL A 188 -9.56 15.24 2.71
C VAL A 188 -10.70 16.26 2.81
N PRO A 189 -11.60 16.14 3.79
CA PRO A 189 -12.67 17.13 3.90
C PRO A 189 -12.11 18.50 4.27
N PRO A 190 -12.81 19.57 3.90
CA PRO A 190 -12.31 20.91 4.25
C PRO A 190 -11.96 21.08 5.72
N ALA A 191 -12.79 20.54 6.63
CA ALA A 191 -12.55 20.72 8.06
C ALA A 191 -11.27 20.03 8.53
N GLU A 192 -10.74 19.09 7.75
CA GLU A 192 -9.52 18.38 8.12
C GLU A 192 -8.29 18.90 7.39
N GLU A 193 -8.46 19.78 6.40
CA GLU A 193 -7.33 20.30 5.63
C GLU A 193 -6.26 20.91 6.53
N LYS A 194 -6.66 21.42 7.71
CA LYS A 194 -5.70 22.02 8.62
C LYS A 194 -4.66 21.02 9.13
N ASN A 195 -4.96 19.73 9.06
CA ASN A 195 -4.02 18.69 9.50
C ASN A 195 -3.17 18.15 8.36
N TYR A 196 -3.40 18.59 7.14
CA TYR A 196 -2.80 17.99 5.95
C TYR A 196 -1.40 18.57 5.75
N ALA A 197 -0.39 17.73 5.98
CA ALA A 197 0.98 18.18 5.78
C ALA A 197 1.23 18.55 4.33
N TRP A 198 2.17 19.45 4.12
CA TRP A 198 2.68 19.72 2.78
C TRP A 198 3.82 18.76 2.48
N GLY A 199 3.82 18.23 1.26
CA GLY A 199 5.00 17.55 0.75
C GLY A 199 6.00 18.54 0.20
N TYR A 200 7.26 18.14 0.16
CA TYR A 200 8.32 19.04 -0.27
C TYR A 200 9.16 18.35 -1.33
N ARG A 201 9.22 18.96 -2.51
CA ARG A 201 9.98 18.47 -3.64
C ARG A 201 10.85 19.60 -4.14
N GLU A 202 12.18 19.40 -4.08
CA GLU A 202 13.14 20.44 -4.47
C GLU A 202 12.80 21.76 -3.78
N GLY A 203 12.38 21.68 -2.51
CA GLY A 203 12.10 22.85 -1.72
C GLY A 203 10.71 23.42 -1.83
N LYS A 204 9.90 22.96 -2.79
CA LYS A 204 8.57 23.51 -3.04
C LYS A 204 7.50 22.66 -2.38
N ALA A 205 6.49 23.33 -1.81
CA ALA A 205 5.40 22.63 -1.13
C ALA A 205 4.40 22.12 -2.17
N VAL A 206 4.08 20.82 -2.09
CA VAL A 206 3.25 20.18 -3.10
C VAL A 206 2.30 19.17 -2.47
N HIS A 207 1.16 18.97 -3.14
CA HIS A 207 0.24 17.88 -2.84
C HIS A 207 0.06 17.06 -4.11
N VAL A 208 -0.37 15.80 -3.93
CA VAL A 208 -0.56 14.92 -5.07
C VAL A 208 -1.64 15.46 -5.98
N SER A 209 -1.45 15.31 -7.27
CA SER A 209 -2.45 15.82 -8.19
C SER A 209 -3.50 14.76 -8.50
N PRO A 210 -4.74 15.17 -8.81
CA PRO A 210 -5.76 14.18 -9.15
C PRO A 210 -5.42 13.45 -10.43
N GLY A 211 -5.83 12.19 -10.49
CA GLY A 211 -5.65 11.39 -11.69
C GLY A 211 -6.61 10.22 -11.71
N ALA A 212 -6.75 9.62 -12.90
CA ALA A 212 -7.66 8.49 -13.06
C ALA A 212 -7.22 7.34 -12.17
N LEU A 213 -8.18 6.79 -11.40
CA LEU A 213 -7.95 5.65 -10.53
C LEU A 213 -6.94 5.95 -9.43
N ASP A 214 -6.80 7.23 -9.06
CA ASP A 214 -5.82 7.59 -8.04
C ASP A 214 -6.21 7.01 -6.69
N ALA A 215 -7.49 7.07 -6.32
CA ALA A 215 -7.91 6.55 -5.03
C ALA A 215 -7.48 5.09 -4.86
N GLU A 216 -7.57 4.31 -5.94
CA GLU A 216 -7.27 2.89 -5.87
C GLU A 216 -5.77 2.61 -5.74
N ALA A 217 -4.94 3.45 -6.35
CA ALA A 217 -3.52 3.15 -6.52
C ALA A 217 -2.59 3.97 -5.64
N TYR A 218 -2.91 5.22 -5.34
CA TYR A 218 -1.97 6.05 -4.62
C TYR A 218 -2.55 7.26 -3.91
N GLY A 219 -3.86 7.32 -3.71
CA GLY A 219 -4.51 8.56 -3.29
C GLY A 219 -4.93 8.70 -1.85
N VAL A 220 -4.66 7.73 -0.98
CA VAL A 220 -5.15 7.81 0.40
C VAL A 220 -4.21 8.66 1.23
N LYS A 221 -4.77 9.42 2.17
CA LYS A 221 -4.02 10.16 3.18
C LYS A 221 -4.44 9.70 4.56
N SER A 222 -3.49 9.66 5.49
CA SER A 222 -3.79 9.13 6.81
C SER A 222 -2.81 9.68 7.83
N THR A 223 -3.15 9.49 9.10
CA THR A 223 -2.30 9.89 10.21
C THR A 223 -1.46 8.70 10.67
N ILE A 224 -0.45 8.99 11.50
CA ILE A 224 0.38 7.93 12.01
C ILE A 224 -0.42 7.05 12.97
N GLU A 225 -1.40 7.63 13.67
CA GLU A 225 -2.23 6.86 14.57
C GLU A 225 -3.14 5.89 13.82
N ASP A 226 -3.77 6.36 12.73
CA ASP A 226 -4.63 5.47 11.96
C ASP A 226 -3.81 4.39 11.26
N MET A 227 -2.61 4.73 10.79
CA MET A 227 -1.79 3.73 10.12
C MET A 227 -1.27 2.69 11.10
N ALA A 228 -0.99 3.08 12.35
CA ALA A 228 -0.65 2.07 13.34
C ALA A 228 -1.83 1.12 13.55
N ARG A 229 -3.05 1.65 13.59
CA ARG A 229 -4.22 0.81 13.75
C ARG A 229 -4.41 -0.09 12.54
N TRP A 230 -4.12 0.44 11.34
CA TRP A 230 -4.14 -0.40 10.14
C TRP A 230 -3.16 -1.56 10.27
N VAL A 231 -1.94 -1.28 10.75
CA VAL A 231 -0.98 -2.37 10.92
C VAL A 231 -1.49 -3.37 11.97
N GLN A 232 -2.03 -2.87 13.08
CA GLN A 232 -2.57 -3.78 14.08
C GLN A 232 -3.65 -4.68 13.49
N SER A 233 -4.47 -4.13 12.60
CA SER A 233 -5.55 -4.91 12.00
C SER A 233 -5.00 -6.01 11.10
N ASN A 234 -3.91 -5.73 10.40
CA ASN A 234 -3.29 -6.73 9.53
C ASN A 234 -2.41 -7.71 10.30
N LEU A 235 -1.95 -7.33 11.50
CA LEU A 235 -1.23 -8.27 12.35
C LEU A 235 -2.17 -9.26 13.03
N LYS A 236 -3.37 -8.82 13.38
CA LYS A 236 -4.29 -9.58 14.22
C LYS A 236 -5.68 -9.55 13.60
N PRO A 237 -5.86 -10.20 12.44
CA PRO A 237 -7.17 -10.15 11.78
C PRO A 237 -8.27 -10.79 12.59
N LEU A 238 -7.95 -11.74 13.46
CA LEU A 238 -9.00 -12.39 14.25
C LEU A 238 -9.61 -11.44 15.26
N ASP A 239 -8.94 -10.31 15.56
CA ASP A 239 -9.56 -9.31 16.40
C ASP A 239 -10.63 -8.51 15.69
N ILE A 240 -10.74 -8.63 14.37
CA ILE A 240 -11.75 -7.90 13.61
C ILE A 240 -13.06 -8.69 13.67
N ASN A 241 -14.12 -8.04 14.15
CA ASN A 241 -15.37 -8.75 14.40
C ASN A 241 -16.19 -8.94 13.12
N GLU A 242 -16.03 -8.08 12.13
CA GLU A 242 -16.70 -8.24 10.85
C GLU A 242 -16.01 -9.37 10.07
N LYS A 243 -16.72 -10.48 9.87
N LYS A 243 -16.72 -10.48 9.87
CA LYS A 243 -16.09 -11.69 9.34
CA LYS A 243 -16.06 -11.67 9.35
C LYS A 243 -15.55 -11.46 7.94
C LYS A 243 -15.56 -11.48 7.92
N THR A 244 -16.29 -10.73 7.09
CA THR A 244 -15.83 -10.55 5.72
C THR A 244 -14.55 -9.71 5.66
N LEU A 245 -14.40 -8.76 6.59
CA LEU A 245 -13.20 -7.94 6.63
C LEU A 245 -12.01 -8.70 7.21
N GLN A 246 -12.25 -9.43 8.30
CA GLN A 246 -11.26 -10.37 8.81
C GLN A 246 -10.72 -11.27 7.71
N GLN A 247 -11.63 -11.88 6.95
CA GLN A 247 -11.19 -12.75 5.87
C GLN A 247 -10.56 -11.97 4.73
N GLY A 248 -11.05 -10.76 4.46
CA GLY A 248 -10.43 -9.95 3.42
C GLY A 248 -9.00 -9.59 3.74
N ILE A 249 -8.72 -9.28 5.00
CA ILE A 249 -7.35 -9.02 5.43
C ILE A 249 -6.50 -10.26 5.21
N GLN A 250 -7.02 -11.42 5.57
CA GLN A 250 -6.27 -12.67 5.40
C GLN A 250 -6.00 -12.95 3.93
N LEU A 251 -6.99 -12.72 3.06
CA LEU A 251 -6.81 -13.01 1.65
C LEU A 251 -5.80 -12.07 1.00
N ALA A 252 -5.70 -10.83 1.49
CA ALA A 252 -4.72 -9.92 0.91
C ALA A 252 -3.28 -10.33 1.22
N GLN A 253 -3.08 -11.16 2.25
CA GLN A 253 -1.78 -11.70 2.58
C GLN A 253 -1.58 -13.13 2.07
N SER A 254 -2.55 -13.68 1.34
CA SER A 254 -2.30 -14.94 0.65
C SER A 254 -1.24 -14.73 -0.42
N ARG A 255 -0.53 -15.80 -0.77
CA ARG A 255 0.58 -15.73 -1.71
C ARG A 255 0.11 -16.27 -3.05
N TYR A 256 -0.01 -15.38 -4.04
CA TYR A 256 -0.58 -15.73 -5.34
C TYR A 256 0.47 -15.99 -6.40
N TRP A 257 1.63 -15.35 -6.30
CA TRP A 257 2.71 -15.48 -7.26
C TRP A 257 4.02 -15.40 -6.49
N GLN A 258 5.05 -16.06 -7.02
CA GLN A 258 6.39 -15.97 -6.47
C GLN A 258 7.38 -15.54 -7.55
N THR A 259 8.28 -14.63 -7.19
CA THR A 259 9.40 -14.27 -8.04
C THR A 259 10.59 -14.02 -7.12
N GLY A 260 11.67 -14.78 -7.32
CA GLY A 260 12.75 -14.73 -6.35
C GLY A 260 12.24 -15.16 -5.00
N ASP A 261 12.64 -14.43 -3.95
CA ASP A 261 12.15 -14.69 -2.61
C ASP A 261 10.94 -13.83 -2.24
N MET A 262 10.29 -13.20 -3.22
N MET A 262 10.29 -13.22 -3.23
CA MET A 262 9.17 -12.31 -2.97
CA MET A 262 9.16 -12.32 -3.04
C MET A 262 7.86 -12.96 -3.43
C MET A 262 7.86 -13.00 -3.42
N TYR A 263 6.80 -12.74 -2.66
CA TYR A 263 5.47 -13.25 -2.96
C TYR A 263 4.50 -12.08 -3.12
N GLN A 264 3.62 -12.18 -4.11
CA GLN A 264 2.65 -11.13 -4.38
C GLN A 264 1.34 -11.46 -3.69
N GLY A 265 0.86 -10.55 -2.85
CA GLY A 265 -0.49 -10.62 -2.31
C GLY A 265 -1.42 -9.69 -3.04
N LEU A 266 -2.48 -9.27 -2.36
CA LEU A 266 -3.39 -8.25 -2.88
C LEU A 266 -2.95 -6.94 -2.23
N GLY A 267 -2.20 -6.13 -2.98
CA GLY A 267 -1.61 -4.93 -2.44
C GLY A 267 -0.34 -5.21 -1.65
N TRP A 268 -0.46 -5.98 -0.57
CA TRP A 268 0.70 -6.36 0.21
C TRP A 268 1.64 -7.25 -0.60
N GLU A 269 2.93 -7.17 -0.29
CA GLU A 269 3.94 -8.11 -0.74
C GLU A 269 4.55 -8.77 0.49
N MET A 270 4.99 -10.02 0.34
CA MET A 270 5.46 -10.80 1.49
C MET A 270 6.74 -11.55 1.14
N LEU A 271 7.56 -11.78 2.17
CA LEU A 271 8.70 -12.69 2.10
C LEU A 271 8.67 -13.54 3.37
N ASP A 272 9.32 -14.70 3.30
CA ASP A 272 9.44 -15.54 4.49
C ASP A 272 10.31 -14.84 5.54
N TRP A 273 9.90 -14.97 6.81
CA TRP A 273 10.70 -14.46 7.92
C TRP A 273 11.37 -15.61 8.62
N PRO A 274 12.68 -15.54 8.95
CA PRO A 274 13.60 -14.39 8.78
C PRO A 274 13.93 -14.09 7.33
N VAL A 275 14.03 -12.81 7.03
CA VAL A 275 14.27 -12.32 5.68
C VAL A 275 15.76 -12.03 5.53
N ASN A 276 16.24 -12.10 4.29
CA ASN A 276 17.55 -11.57 3.93
C ASN A 276 17.40 -10.07 3.78
N PRO A 277 17.97 -9.26 4.67
CA PRO A 277 17.72 -7.80 4.57
C PRO A 277 18.15 -7.21 3.24
N ASP A 278 19.22 -7.71 2.63
CA ASP A 278 19.65 -7.14 1.36
C ASP A 278 18.62 -7.35 0.27
N SER A 279 17.82 -8.42 0.35
N SER A 279 17.85 -8.46 0.34
CA SER A 279 16.83 -8.67 -0.69
CA SER A 279 16.80 -8.71 -0.64
C SER A 279 15.69 -7.65 -0.64
C SER A 279 15.76 -7.60 -0.62
N ILE A 280 15.18 -7.33 0.56
CA ILE A 280 14.13 -6.34 0.65
C ILE A 280 14.68 -4.94 0.40
N ILE A 281 15.90 -4.66 0.86
CA ILE A 281 16.49 -3.34 0.61
C ILE A 281 16.75 -3.16 -0.88
N ASN A 282 17.52 -4.06 -1.48
CA ASN A 282 17.84 -3.92 -2.90
C ASN A 282 16.59 -4.03 -3.75
N GLY A 283 15.68 -4.93 -3.39
CA GLY A 283 14.48 -5.12 -4.20
C GLY A 283 13.51 -3.96 -4.16
N SER A 284 13.67 -3.04 -3.22
CA SER A 284 12.81 -1.87 -3.13
C SER A 284 13.24 -0.75 -4.06
N ASP A 285 14.45 -0.83 -4.60
CA ASP A 285 14.90 0.18 -5.56
C ASP A 285 14.00 0.15 -6.79
N ASN A 286 13.61 1.35 -7.26
CA ASN A 286 12.70 1.45 -8.40
C ASN A 286 13.21 0.69 -9.62
N LYS A 287 14.53 0.63 -9.79
CA LYS A 287 15.08 -0.10 -10.94
C LYS A 287 14.66 -1.56 -10.93
N ILE A 288 14.50 -2.15 -9.75
CA ILE A 288 14.09 -3.55 -9.61
C ILE A 288 12.58 -3.66 -9.41
N ALA A 289 12.05 -2.92 -8.44
CA ALA A 289 10.64 -3.08 -8.07
C ALA A 289 9.72 -2.85 -9.27
N LEU A 290 10.13 -2.01 -10.22
CA LEU A 290 9.29 -1.66 -11.36
C LEU A 290 9.64 -2.46 -12.61
N ALA A 291 10.62 -3.35 -12.55
CA ALA A 291 11.02 -4.11 -13.72
C ALA A 291 10.07 -5.27 -13.95
N ALA A 292 9.90 -5.63 -15.22
CA ALA A 292 9.15 -6.83 -15.56
C ALA A 292 9.94 -8.06 -15.15
N ARG A 293 9.28 -8.99 -14.47
CA ARG A 293 9.93 -10.16 -13.90
C ARG A 293 9.02 -11.38 -14.05
N PRO A 294 9.55 -12.51 -14.48
CA PRO A 294 8.73 -13.73 -14.56
C PRO A 294 8.21 -14.14 -13.19
N VAL A 295 6.99 -14.70 -13.18
CA VAL A 295 6.36 -15.17 -11.95
C VAL A 295 5.93 -16.63 -12.11
N LYS A 296 5.91 -17.32 -10.98
CA LYS A 296 5.40 -18.68 -10.86
C LYS A 296 4.10 -18.64 -10.08
N ALA A 297 3.05 -19.22 -10.65
CA ALA A 297 1.75 -19.23 -9.98
C ALA A 297 1.80 -20.15 -8.76
N ILE A 298 1.08 -19.76 -7.72
CA ILE A 298 0.90 -20.58 -6.52
C ILE A 298 -0.58 -20.96 -6.49
N THR A 299 -0.88 -22.22 -6.80
CA THR A 299 -2.26 -22.68 -6.94
C THR A 299 -2.45 -23.94 -6.09
N PRO A 300 -3.30 -23.91 -5.05
CA PRO A 300 -4.05 -22.72 -4.60
C PRO A 300 -3.13 -21.73 -3.91
N PRO A 301 -3.53 -20.47 -3.81
CA PRO A 301 -2.69 -19.48 -3.11
C PRO A 301 -2.40 -19.93 -1.69
N THR A 302 -1.17 -19.70 -1.25
CA THR A 302 -0.82 -20.05 0.12
C THR A 302 -1.60 -19.17 1.10
N PRO A 303 -2.38 -19.74 2.02
CA PRO A 303 -3.00 -18.92 3.06
C PRO A 303 -1.96 -18.14 3.83
N ALA A 304 -2.33 -16.94 4.27
CA ALA A 304 -1.42 -16.02 4.96
C ALA A 304 -0.49 -16.77 5.90
N VAL A 305 0.81 -16.57 5.70
CA VAL A 305 1.84 -17.21 6.52
C VAL A 305 2.24 -16.26 7.63
N ARG A 306 2.10 -16.72 8.87
CA ARG A 306 2.39 -15.84 10.01
C ARG A 306 3.86 -15.44 10.04
N ALA A 307 4.77 -16.38 9.73
CA ALA A 307 6.20 -16.08 9.69
C ALA A 307 6.55 -15.44 8.34
N SER A 308 6.08 -14.19 8.18
CA SER A 308 6.32 -13.42 6.99
C SER A 308 6.74 -12.00 7.35
N TRP A 309 7.58 -11.42 6.49
CA TRP A 309 7.79 -9.98 6.41
C TRP A 309 6.79 -9.46 5.38
N VAL A 310 5.81 -8.68 5.84
CA VAL A 310 4.75 -8.14 4.99
C VAL A 310 4.97 -6.64 4.88
N HIS A 311 4.98 -6.11 3.66
CA HIS A 311 5.36 -4.71 3.54
C HIS A 311 4.84 -4.09 2.24
N LYS A 312 4.92 -2.75 2.21
CA LYS A 312 4.58 -1.97 1.03
C LYS A 312 5.25 -0.60 1.13
N THR A 313 5.83 -0.15 0.02
CA THR A 313 6.38 1.18 -0.14
C THR A 313 5.37 2.10 -0.82
N GLY A 314 5.54 3.39 -0.62
CA GLY A 314 4.71 4.36 -1.32
C GLY A 314 5.40 5.70 -1.46
N ALA A 315 5.06 6.40 -2.54
CA ALA A 315 5.64 7.70 -2.81
C ALA A 315 4.70 8.55 -3.66
N THR A 316 4.67 9.83 -3.36
CA THR A 316 4.13 10.87 -4.23
C THR A 316 5.26 11.87 -4.51
N GLY A 317 4.94 12.92 -5.24
CA GLY A 317 5.96 13.91 -5.54
C GLY A 317 6.65 14.45 -4.29
N GLY A 318 5.92 14.55 -3.19
CA GLY A 318 6.44 15.20 -2.01
C GLY A 318 6.43 14.37 -0.76
N PHE A 319 6.10 13.08 -0.86
CA PHE A 319 5.99 12.21 0.30
C PHE A 319 6.68 10.87 0.05
N GLY A 320 7.08 10.24 1.15
CA GLY A 320 7.64 8.90 1.12
C GLY A 320 7.15 8.07 2.30
N SER A 321 6.60 6.89 2.03
N SER A 321 6.58 6.90 2.03
CA SER A 321 5.98 6.08 3.07
CA SER A 321 5.97 6.07 3.05
C SER A 321 6.49 4.65 3.00
C SER A 321 6.50 4.65 3.00
N TYR A 322 6.41 3.96 4.14
CA TYR A 322 6.78 2.56 4.21
C TYR A 322 6.05 1.92 5.38
N VAL A 323 5.52 0.73 5.16
N VAL A 323 5.54 0.71 5.17
CA VAL A 323 4.88 -0.07 6.20
CA VAL A 323 4.88 -0.06 6.21
C VAL A 323 5.46 -1.48 6.11
C VAL A 323 5.39 -1.49 6.12
N ALA A 324 5.79 -2.05 7.26
CA ALA A 324 6.29 -3.42 7.33
C ALA A 324 5.84 -4.05 8.64
N PHE A 325 5.47 -5.33 8.60
CA PHE A 325 5.10 -6.01 9.83
C PHE A 325 5.34 -7.51 9.70
N ILE A 326 5.45 -8.15 10.87
CA ILE A 326 5.75 -9.57 11.01
C ILE A 326 4.69 -10.19 11.90
N PRO A 327 3.65 -10.83 11.35
CA PRO A 327 2.55 -11.30 12.21
C PRO A 327 2.98 -12.21 13.35
N GLU A 328 3.87 -13.18 13.08
CA GLU A 328 4.27 -14.10 14.12
C GLU A 328 4.86 -13.39 15.33
N LYS A 329 5.51 -12.25 15.13
CA LYS A 329 6.19 -11.53 16.19
C LYS A 329 5.37 -10.38 16.77
N GLU A 330 4.17 -10.15 16.24
N GLU A 330 4.21 -10.06 16.19
CA GLU A 330 3.31 -9.00 16.54
CA GLU A 330 3.42 -8.93 16.66
C GLU A 330 4.14 -7.72 16.58
C GLU A 330 4.21 -7.62 16.52
N LEU A 331 4.87 -7.50 15.48
N LEU A 331 5.18 -7.60 15.61
CA LEU A 331 5.89 -6.47 15.39
CA LEU A 331 6.04 -6.46 15.36
C LEU A 331 5.72 -5.75 14.06
C LEU A 331 5.61 -5.74 14.09
N GLY A 332 5.74 -4.42 14.09
CA GLY A 332 5.58 -3.66 12.86
C GLY A 332 6.09 -2.24 12.96
N ILE A 333 6.10 -1.56 11.82
CA ILE A 333 6.54 -0.17 11.78
C ILE A 333 5.85 0.55 10.64
N VAL A 334 5.53 1.81 10.89
CA VAL A 334 5.01 2.74 9.89
C VAL A 334 5.95 3.94 9.87
N MET A 335 6.38 4.34 8.66
CA MET A 335 7.28 5.47 8.47
C MET A 335 6.65 6.40 7.45
N LEU A 336 6.24 7.59 7.89
CA LEU A 336 5.61 8.59 7.02
C LEU A 336 6.47 9.84 7.02
N ALA A 337 6.85 10.29 5.81
CA ALA A 337 7.66 11.49 5.66
C ALA A 337 7.09 12.37 4.55
N ASN A 338 7.29 13.69 4.70
CA ASN A 338 6.84 14.65 3.69
C ASN A 338 8.01 15.11 2.83
N LYS A 339 8.87 14.16 2.46
CA LYS A 339 9.79 14.28 1.34
C LYS A 339 9.85 12.90 0.68
N ASN A 340 9.92 12.86 -0.65
CA ASN A 340 10.13 11.60 -1.36
C ASN A 340 11.63 11.31 -1.37
N TYR A 341 12.04 10.28 -0.64
CA TYR A 341 13.43 9.86 -0.57
C TYR A 341 13.50 8.38 -0.91
N PRO A 342 14.66 7.87 -1.32
CA PRO A 342 14.71 6.55 -1.96
C PRO A 342 14.21 5.44 -1.07
N ASN A 343 13.48 4.50 -1.67
CA ASN A 343 12.97 3.34 -0.94
C ASN A 343 14.03 2.59 -0.16
N PRO A 344 15.21 2.28 -0.72
CA PRO A 344 16.17 1.45 0.03
C PRO A 344 16.54 2.04 1.37
N ALA A 345 16.60 3.37 1.48
CA ALA A 345 16.91 3.97 2.76
C ALA A 345 15.79 3.73 3.77
N ARG A 346 14.53 3.75 3.32
CA ARG A 346 13.40 3.47 4.22
C ARG A 346 13.45 2.04 4.72
N VAL A 347 13.64 1.09 3.80
CA VAL A 347 13.59 -0.32 4.14
C VAL A 347 14.73 -0.69 5.07
N ASP A 348 15.93 -0.16 4.81
N ASP A 348 15.93 -0.19 4.78
CA ASP A 348 17.06 -0.46 5.68
CA ASP A 348 17.08 -0.41 5.65
C ASP A 348 16.80 0.05 7.09
C ASP A 348 16.78 0.03 7.07
N ALA A 349 16.24 1.25 7.23
CA ALA A 349 15.93 1.77 8.56
C ALA A 349 14.88 0.91 9.24
N ALA A 350 13.83 0.53 8.51
CA ALA A 350 12.79 -0.31 9.10
C ALA A 350 13.37 -1.65 9.56
N TRP A 351 14.24 -2.25 8.75
CA TRP A 351 14.79 -3.54 9.16
C TRP A 351 15.71 -3.39 10.37
N GLN A 352 16.51 -2.31 10.42
CA GLN A 352 17.36 -2.11 11.59
C GLN A 352 16.53 -2.06 12.87
N ILE A 353 15.37 -1.40 12.82
CA ILE A 353 14.54 -1.26 14.01
C ILE A 353 13.88 -2.59 14.37
N LEU A 354 13.21 -3.24 13.42
CA LEU A 354 12.50 -4.46 13.76
C LEU A 354 13.47 -5.58 14.11
N ASN A 355 14.63 -5.65 13.44
CA ASN A 355 15.63 -6.66 13.77
C ASN A 355 16.11 -6.50 15.21
N ALA A 356 16.25 -5.25 15.66
CA ALA A 356 16.69 -4.99 17.02
C ALA A 356 15.65 -5.37 18.06
N LEU A 357 14.39 -5.41 17.69
CA LEU A 357 13.31 -5.64 18.65
C LEU A 357 12.72 -7.04 18.58
N GLN A 358 13.22 -7.90 17.70
N GLN A 358 13.23 -7.92 17.73
CA GLN A 358 12.67 -9.24 17.57
CA GLN A 358 12.69 -9.26 17.62
C GLN A 358 13.00 -10.08 18.81
C GLN A 358 13.04 -10.10 18.86
C1 PEG B . -15.43 0.61 -15.37
O1 PEG B . -16.67 1.24 -15.59
C2 PEG B . -14.32 1.65 -15.27
O2 PEG B . -14.32 2.20 -13.98
C3 PEG B . -13.69 3.45 -13.87
C4 PEG B . -13.94 4.01 -12.47
O4 PEG B . -14.64 5.22 -12.58
C4 MK7 C . 5.82 4.71 -8.74
C4 MK7 C . 5.80 4.33 -8.55
C5 MK7 C . 2.65 10.37 -10.58
C5 MK7 C . 2.64 10.42 -10.60
C6 MK7 C . 0.86 10.58 -8.87
C6 MK7 C . 0.84 10.62 -8.89
C7 MK7 C . 4.00 3.39 -7.65
C7 MK7 C . 3.54 3.62 -7.80
C8 MK7 C . 3.23 4.28 -5.36
C8 MK7 C . 3.19 4.35 -5.36
C10 MK7 C . 4.43 5.81 -7.01
C10 MK7 C . 4.41 5.84 -7.06
C1 MK7 C . 5.81 5.69 -7.66
C1 MK7 C . 5.76 5.52 -7.70
C2 MK7 C . 3.41 9.42 -9.66
C2 MK7 C . 3.41 9.48 -9.67
C3 MK7 C . 1.61 9.59 -7.97
C3 MK7 C . 1.60 9.67 -7.97
C9 MK7 C . 2.50 8.69 -8.73
C9 MK7 C . 2.51 8.78 -8.72
C11 MK7 C . 3.52 6.52 -7.98
C11 MK7 C . 3.56 6.65 -8.01
C12 MK7 C . 5.41 3.37 -8.25
C12 MK7 C . 5.00 3.21 -8.03
N13 MK7 C . 1.73 11.27 -9.85
N13 MK7 C . 1.72 11.32 -9.87
N14 MK7 C . 3.34 7.95 -7.83
N14 MK7 C . 3.34 8.05 -7.78
N15 MK7 C . 6.40 2.96 -7.21
N15 MK7 C . 5.46 2.83 -6.67
N16 MK7 C . 3.80 4.50 -6.65
N16 MK7 C . 3.54 4.66 -6.71
O17 MK7 C . 6.26 0.61 -4.24
O17 MK7 C . 6.25 0.64 -4.50
O18 MK7 C . 3.51 5.02 -4.49
O18 MK7 C . 3.56 5.06 -4.48
O19 MK7 C . 2.98 5.93 -8.85
O19 MK7 C . 3.06 6.13 -8.94
O20 MK7 C . 6.18 3.09 -4.26
O20 MK7 C . 6.39 3.10 -4.30
O21 MK7 C . 8.12 1.74 -5.08
O21 MK7 C . 8.35 1.63 -4.76
O22 MK7 C . 5.95 1.82 -6.52
O22 MK7 C . 6.62 2.06 -6.65
S23 MK7 C . 6.63 1.85 -5.02
S23 MK7 C . 6.89 1.89 -5.03
ZN ZN D . 22.14 10.61 18.43
ZN ZN E . -11.08 14.46 14.28
O1 MES F . 5.93 10.63 25.71
C2 MES F . 5.71 9.47 24.92
C3 MES F . 5.85 9.74 23.42
N4 MES F . 5.05 10.93 23.03
C5 MES F . 5.34 12.08 23.87
C6 MES F . 5.07 11.69 25.33
C7 MES F . 5.05 11.05 21.58
C8 MES F . 4.95 12.49 21.08
S MES F . 4.31 12.54 19.54
O1S MES F . 4.75 13.78 18.86
O2S MES F . 4.76 11.36 18.77
O3S MES F . 2.83 12.54 19.65
S SO4 G . 2.41 13.89 -7.44
O1 SO4 G . 2.90 15.13 -6.85
O2 SO4 G . 3.42 13.34 -8.35
O3 SO4 G . 2.15 12.91 -6.40
O4 SO4 G . 1.18 14.15 -8.19
S SO4 H . 1.27 9.35 23.32
O1 SO4 H . 1.25 8.53 24.51
O2 SO4 H . 2.35 8.92 22.44
O3 SO4 H . 1.46 10.75 23.69
O4 SO4 H . 0.00 9.21 22.61
CL CL I . 23.12 8.74 19.10
#